data_3S3O
#
_entry.id   3S3O
#
_cell.length_a   160.440
_cell.length_b   160.440
_cell.length_c   123.030
_cell.angle_alpha   90.000
_cell.angle_beta   90.000
_cell.angle_gamma   90.000
#
_symmetry.space_group_name_H-M   'P 41 21 2'
#
loop_
_entity.id
_entity.type
_entity.pdbx_description
1 polymer 'PFV integrase'
2 polymer "5'-D(*AP*TP*TP*GP*TP*CP*AP*TP*GP*GP*AP*AP*TP*TP*TP*CP*GP*CP*A)-3'"
3 polymer "5'-D(*TP*GP*CP*GP*AP*AP*AP*TP*TP*CP*CP*AP*TP*GP*AP*CP*A)-3'"
4 non-polymer 'ZINC ION'
5 non-polymer 'SULFATE ION'
6 non-polymer GLYCEROL
7 non-polymer 'AMMONIUM ION'
8 non-polymer 'MAGNESIUM ION'
9 non-polymer "(4R,12aS)-N-(2,4-difluorobenzyl)-7-hydroxy-4-methyl-6,8-dioxo-3,4,6,8,12,12a-hexahydro-2H-pyrido[1',2':4,5]pyrazino[2,1-b][1,3]oxazine-9-carboxamide"
10 non-polymer HEXANE-1,6-DIOL
11 water water
#
loop_
_entity_poly.entity_id
_entity_poly.type
_entity_poly.pdbx_seq_one_letter_code
_entity_poly.pdbx_strand_id
1 'polypeptide(L)'
;GPGCNTKKPNLDAELDQLLQGHYIKGYPKQYTYFLEDGKVKVSRPEGVKIIPPQSDRQKIVLQAHNLAHTGREATLLKIA
NLYWWPNMRKDVVKQLGRCQQCLITNASNKASGPILRPDRPQKPFDKFFIDYIGPLPPSQGYLYVLVVVDGMTGFTWLYP
TKAPSTSATVKSLNVLTSIAIPKVIHSDQGAAFTSSTFAEWAKERGIHLEFSTPYHPQSSGKVERKHSDIKRLLTKLLVG
RPTKWYDLLPVVQLALNNTYSPVLKYTPHQLLFGIDSNTPFANQDTLDLTREEELSLLQEIRTSLYHPSTPPASSRSWSP
VVGQLVQERVARPASLRPRWHKPSTVLKVLNPRTVVILDHLGNNRTVSIDNLKPTSHQNGTTNDTATMDHLEKNE
;
A,B
2 'polydeoxyribonucleotide' (DA)(DT)(DT)(DG)(DT)(DC)(DA)(DT)(DG)(DG)(DA)(DA)(DT)(DT)(DT)(DC)(DG)(DC)(DA) C
3 'polydeoxyribonucleotide' (DT)(DG)(DC)(DG)(DA)(DA)(DA)(DT)(DT)(DC)(DC)(DA)(DT)(DG)(DA)(DC)(DA) D
#
loop_
_chem_comp.id
_chem_comp.type
_chem_comp.name
_chem_comp.formula
DA DNA linking 2'-DEOXYADENOSINE-5'-MONOPHOSPHATE 'C10 H14 N5 O6 P'
DC DNA linking 2'-DEOXYCYTIDINE-5'-MONOPHOSPHATE 'C9 H14 N3 O7 P'
DG DNA linking 2'-DEOXYGUANOSINE-5'-MONOPHOSPHATE 'C10 H14 N5 O7 P'
DLU non-polymer (4R,12aS)-N-(2,4-difluorobenzyl)-7-hydroxy-4-methyl-6,8-dioxo-3,4,6,8,12,12a-hexahydro-2H-pyrido[1',2':4,5]pyrazino[2,1-b][1,3]oxazine-9-carboxamide 'C20 H19 F2 N3 O5'
DT DNA linking THYMIDINE-5'-MONOPHOSPHATE 'C10 H15 N2 O8 P'
GOL non-polymer GLYCEROL 'C3 H8 O3'
HEZ non-polymer HEXANE-1,6-DIOL 'C6 H14 O2'
MG non-polymer 'MAGNESIUM ION' 'Mg 2'
NH4 non-polymer 'AMMONIUM ION' 'H4 N 1'
SO4 non-polymer 'SULFATE ION' 'O4 S -2'
ZN non-polymer 'ZINC ION' 'Zn 2'
#
# COMPACT_ATOMS: atom_id res chain seq x y z
N LEU A 11 -53.26 19.11 24.45
CA LEU A 11 -53.82 19.59 25.74
C LEU A 11 -55.27 19.14 25.98
N ASP A 12 -55.96 19.80 26.92
CA ASP A 12 -57.31 19.43 27.38
C ASP A 12 -58.41 19.66 26.34
N ALA A 13 -58.09 20.45 25.30
CA ALA A 13 -59.01 20.73 24.22
C ALA A 13 -59.49 19.45 23.54
N GLU A 14 -58.57 18.75 22.85
CA GLU A 14 -58.88 17.50 22.14
C GLU A 14 -59.58 16.48 23.03
N LEU A 15 -59.06 16.32 24.25
CA LEU A 15 -59.56 15.33 25.19
C LEU A 15 -60.98 15.62 25.69
N ASP A 16 -61.41 16.87 25.57
CA ASP A 16 -62.77 17.24 25.98
C ASP A 16 -63.82 16.65 25.04
N GLN A 17 -63.73 16.97 23.74
CA GLN A 17 -64.67 16.43 22.73
C GLN A 17 -64.78 14.93 22.84
N LEU A 18 -63.67 14.30 23.22
CA LEU A 18 -63.59 12.87 23.38
C LEU A 18 -64.50 12.38 24.50
N LEU A 19 -64.51 13.11 25.62
CA LEU A 19 -65.27 12.70 26.80
C LEU A 19 -66.79 12.68 26.56
N GLN A 20 -67.27 13.66 25.81
CA GLN A 20 -68.71 13.77 25.51
C GLN A 20 -69.16 12.92 24.32
N GLY A 21 -68.29 11.99 23.90
CA GLY A 21 -68.64 10.97 22.91
C GLY A 21 -68.51 11.37 21.45
N HIS A 22 -67.92 12.52 21.17
CA HIS A 22 -67.63 12.94 19.80
C HIS A 22 -66.32 12.30 19.30
N TYR A 23 -66.16 12.22 17.98
CA TYR A 23 -65.03 11.51 17.36
C TYR A 23 -63.88 12.44 16.95
N ILE A 24 -62.66 12.11 17.42
CA ILE A 24 -61.42 12.77 16.95
C ILE A 24 -60.58 11.77 16.15
N LYS A 25 -59.97 12.24 15.06
CA LYS A 25 -59.13 11.38 14.22
C LYS A 25 -58.00 10.76 15.03
N GLY A 26 -57.86 9.46 14.91
CA GLY A 26 -56.81 8.72 15.62
C GLY A 26 -57.36 7.88 16.75
N TYR A 27 -58.32 8.41 17.50
CA TYR A 27 -58.91 7.71 18.63
C TYR A 27 -60.10 6.89 18.16
N PRO A 28 -59.94 5.56 18.08
CA PRO A 28 -60.99 4.71 17.51
C PRO A 28 -62.29 4.77 18.32
N LYS A 29 -63.43 4.79 17.64
CA LYS A 29 -64.72 5.11 18.28
C LYS A 29 -65.33 3.97 19.12
N GLN A 30 -65.00 2.74 18.76
CA GLN A 30 -65.56 1.56 19.43
C GLN A 30 -65.07 1.31 20.87
N TYR A 31 -64.45 2.32 21.49
CA TYR A 31 -63.92 2.18 22.85
C TYR A 31 -64.49 3.24 23.78
N THR A 32 -64.67 2.87 25.04
CA THR A 32 -65.21 3.81 26.04
C THR A 32 -64.15 4.70 26.72
N TYR A 33 -64.23 6.00 26.45
CA TYR A 33 -63.34 7.01 27.04
C TYR A 33 -64.02 7.74 28.21
N PHE A 34 -63.33 7.87 29.35
CA PHE A 34 -63.92 8.47 30.55
C PHE A 34 -62.98 9.25 31.47
N LEU A 35 -63.55 9.97 32.45
CA LEU A 35 -62.76 10.63 33.51
C LEU A 35 -62.79 9.82 34.80
N GLU A 36 -61.68 9.84 35.52
CA GLU A 36 -61.52 9.13 36.79
C GLU A 36 -60.20 9.58 37.42
N ASP A 37 -60.23 9.86 38.71
CA ASP A 37 -59.06 10.33 39.46
C ASP A 37 -58.43 11.60 38.86
N GLY A 38 -59.24 12.32 38.07
CA GLY A 38 -58.82 13.59 37.45
C GLY A 38 -58.05 13.43 36.14
N LYS A 39 -58.17 12.26 35.53
CA LYS A 39 -57.40 11.91 34.34
C LYS A 39 -58.28 11.22 33.30
N VAL A 40 -58.01 11.47 32.02
CA VAL A 40 -58.75 10.82 30.94
C VAL A 40 -58.27 9.38 30.76
N LYS A 41 -59.19 8.43 30.78
CA LYS A 41 -58.84 7.02 30.66
C LYS A 41 -59.57 6.35 29.49
N VAL A 42 -59.24 5.09 29.23
CA VAL A 42 -59.84 4.29 28.15
C VAL A 42 -59.68 2.80 28.46
N SER A 43 -60.68 2.02 28.08
CA SER A 43 -60.67 0.59 28.34
C SER A 43 -60.23 -0.18 27.10
N ARG A 44 -58.95 -0.52 27.05
CA ARG A 44 -58.40 -1.24 25.91
C ARG A 44 -58.26 -2.72 26.24
N PRO A 45 -58.29 -3.59 25.21
CA PRO A 45 -58.29 -5.02 25.49
C PRO A 45 -57.33 -5.44 26.62
N GLU A 46 -56.09 -4.94 26.59
CA GLU A 46 -55.04 -5.30 27.55
C GLU A 46 -55.30 -4.74 28.95
N GLY A 47 -55.99 -3.61 29.01
CA GLY A 47 -56.35 -2.99 30.29
C GLY A 47 -56.80 -1.55 30.17
N VAL A 48 -56.88 -0.88 31.32
CA VAL A 48 -57.29 0.52 31.36
C VAL A 48 -56.03 1.37 31.35
N LYS A 49 -55.93 2.25 30.36
CA LYS A 49 -54.77 3.10 30.23
C LYS A 49 -55.13 4.58 30.34
N ILE A 50 -54.19 5.37 30.83
CA ILE A 50 -54.36 6.81 30.88
C ILE A 50 -54.01 7.42 29.52
N ILE A 51 -54.88 8.27 29.01
CA ILE A 51 -54.57 9.06 27.83
C ILE A 51 -54.09 10.42 28.31
N PRO A 52 -52.79 10.67 28.24
CA PRO A 52 -52.36 12.00 28.62
C PRO A 52 -52.65 13.01 27.51
N PRO A 53 -52.79 14.29 27.88
CA PRO A 53 -52.90 15.37 26.91
C PRO A 53 -51.66 15.42 26.03
N GLN A 54 -51.85 15.78 24.76
CA GLN A 54 -50.76 15.92 23.80
C GLN A 54 -49.58 16.72 24.37
N SER A 55 -49.87 17.74 25.18
CA SER A 55 -48.83 18.60 25.77
C SER A 55 -47.96 17.87 26.79
N ASP A 56 -48.40 16.69 27.21
CA ASP A 56 -47.68 15.92 28.21
C ASP A 56 -46.83 14.80 27.61
N ARG A 57 -47.20 14.35 26.42
CA ARG A 57 -46.66 13.14 25.82
C ARG A 57 -45.14 13.10 25.66
N GLN A 58 -44.58 14.11 25.01
CA GLN A 58 -43.15 14.21 24.83
C GLN A 58 -42.38 13.95 26.14
N LYS A 59 -42.82 14.56 27.23
CA LYS A 59 -42.18 14.41 28.55
C LYS A 59 -42.19 12.96 29.04
N ILE A 60 -43.31 12.29 28.81
CA ILE A 60 -43.50 10.90 29.16
C ILE A 60 -42.53 9.98 28.39
N VAL A 61 -42.51 10.14 27.07
CA VAL A 61 -41.65 9.35 26.20
C VAL A 61 -40.20 9.50 26.64
N LEU A 62 -39.84 10.73 26.93
CA LEU A 62 -38.51 11.05 27.37
C LEU A 62 -38.18 10.40 28.74
N GLN A 63 -39.10 10.44 29.69
CA GLN A 63 -38.88 9.79 30.98
C GLN A 63 -38.67 8.28 30.80
N ALA A 64 -39.53 7.68 29.98
CA ALA A 64 -39.46 6.26 29.74
C ALA A 64 -38.16 5.90 28.99
N HIS A 65 -37.85 6.62 27.91
CA HIS A 65 -36.60 6.38 27.20
C HIS A 65 -35.40 6.49 28.11
N ASN A 66 -35.39 7.50 28.98
CA ASN A 66 -34.21 7.81 29.79
C ASN A 66 -33.91 6.88 30.95
N LEU A 67 -34.82 5.95 31.25
CA LEU A 67 -34.56 5.01 32.34
C LEU A 67 -33.32 4.22 32.01
N ALA A 68 -33.25 3.68 30.80
CA ALA A 68 -32.07 2.92 30.38
C ALA A 68 -31.62 3.25 28.96
N HIS A 69 -32.11 4.37 28.43
CA HIS A 69 -31.82 4.80 27.06
C HIS A 69 -32.07 3.71 26.03
N THR A 70 -33.27 3.11 26.13
CA THR A 70 -33.68 1.96 25.36
C THR A 70 -34.23 2.40 24.01
N GLY A 71 -34.25 1.48 23.05
CA GLY A 71 -34.75 1.77 21.73
C GLY A 71 -36.24 1.58 21.64
N ARG A 72 -36.74 1.40 20.42
CA ARG A 72 -38.15 1.55 20.14
C ARG A 72 -39.06 0.69 21.02
N GLU A 73 -39.02 -0.63 20.80
CA GLU A 73 -39.88 -1.56 21.53
C GLU A 73 -39.70 -1.51 23.05
N ALA A 74 -38.47 -1.52 23.54
CA ALA A 74 -38.25 -1.51 24.98
C ALA A 74 -38.75 -0.23 25.65
N THR A 75 -38.70 0.88 24.92
CA THR A 75 -39.24 2.15 25.41
C THR A 75 -40.76 2.09 25.34
N LEU A 76 -41.31 1.66 24.20
CA LEU A 76 -42.76 1.56 24.07
C LEU A 76 -43.37 0.73 25.22
N LEU A 77 -42.76 -0.41 25.54
CA LEU A 77 -43.30 -1.35 26.54
C LEU A 77 -43.42 -0.74 27.94
N LYS A 78 -42.53 0.20 28.27
CA LYS A 78 -42.67 0.93 29.51
C LYS A 78 -43.89 1.86 29.45
N ILE A 79 -43.95 2.67 28.41
CA ILE A 79 -45.05 3.63 28.27
C ILE A 79 -46.38 2.89 28.29
N ALA A 80 -46.50 1.82 27.51
CA ALA A 80 -47.74 1.07 27.37
C ALA A 80 -48.23 0.49 28.69
N ASN A 81 -47.35 0.40 29.69
CA ASN A 81 -47.79 -0.06 30.98
C ASN A 81 -48.82 0.86 31.65
N LEU A 82 -48.67 2.17 31.44
CA LEU A 82 -49.53 3.16 32.06
C LEU A 82 -50.41 3.93 31.05
N TYR A 83 -49.92 4.10 29.83
CA TYR A 83 -50.60 4.98 28.89
C TYR A 83 -51.04 4.35 27.59
N TRP A 84 -51.96 5.03 26.93
CA TRP A 84 -52.25 4.79 25.54
C TRP A 84 -52.53 6.14 24.94
N TRP A 85 -52.04 6.34 23.73
CA TRP A 85 -52.48 7.43 22.87
C TRP A 85 -52.30 7.00 21.41
N PRO A 86 -52.86 7.77 20.43
CA PRO A 86 -52.70 7.26 19.05
C PRO A 86 -51.28 7.43 18.60
N ASN A 87 -50.78 6.41 17.88
CA ASN A 87 -49.48 6.48 17.21
C ASN A 87 -48.31 6.70 18.18
N MET A 88 -48.29 5.91 19.25
CA MET A 88 -47.26 6.01 20.28
C MET A 88 -45.82 5.86 19.75
N ARG A 89 -45.58 4.84 18.93
CA ARG A 89 -44.24 4.62 18.40
C ARG A 89 -43.70 5.81 17.63
N LYS A 90 -44.58 6.58 16.99
CA LYS A 90 -44.11 7.73 16.22
C LYS A 90 -43.49 8.75 17.15
N ASP A 91 -44.06 8.92 18.32
CA ASP A 91 -43.50 9.85 19.28
C ASP A 91 -42.25 9.27 19.94
N VAL A 92 -42.17 7.93 20.00
CA VAL A 92 -41.01 7.30 20.60
C VAL A 92 -39.83 7.48 19.64
N VAL A 93 -40.06 7.14 18.37
CA VAL A 93 -39.05 7.26 17.33
C VAL A 93 -38.54 8.70 17.19
N LYS A 94 -39.43 9.67 17.36
CA LYS A 94 -39.04 11.09 17.37
C LYS A 94 -37.98 11.36 18.43
N GLN A 95 -38.18 10.82 19.63
CA GLN A 95 -37.24 11.05 20.71
C GLN A 95 -35.91 10.33 20.49
N LEU A 96 -35.98 9.10 19.96
CA LEU A 96 -34.78 8.34 19.68
C LEU A 96 -33.86 9.08 18.71
N GLY A 97 -34.46 9.66 17.67
CA GLY A 97 -33.73 10.46 16.71
C GLY A 97 -33.19 11.77 17.26
N ARG A 98 -33.63 12.16 18.46
CA ARG A 98 -33.15 13.40 19.11
C ARG A 98 -32.28 13.15 20.34
N CYS A 99 -32.07 11.88 20.70
CA CYS A 99 -31.24 11.60 21.86
C CYS A 99 -29.78 11.53 21.43
N GLN A 100 -29.04 12.59 21.71
CA GLN A 100 -27.67 12.65 21.22
C GLN A 100 -26.87 11.46 21.80
N GLN A 101 -27.10 11.14 23.07
CA GLN A 101 -26.39 10.03 23.74
C GLN A 101 -26.60 8.67 23.07
N CYS A 102 -27.84 8.40 22.68
CA CYS A 102 -28.13 7.14 22.00
C CYS A 102 -27.48 7.12 20.64
N LEU A 103 -27.55 8.23 19.91
CA LEU A 103 -27.08 8.27 18.54
C LEU A 103 -25.58 8.06 18.44
N ILE A 104 -24.83 8.56 19.41
CA ILE A 104 -23.38 8.46 19.34
C ILE A 104 -22.80 7.22 20.01
N THR A 105 -23.61 6.54 20.82
CA THR A 105 -23.18 5.34 21.56
C THR A 105 -23.62 4.02 20.93
N ASN A 106 -24.87 3.95 20.45
CA ASN A 106 -25.39 2.69 19.93
C ASN A 106 -24.61 2.15 18.75
N ALA A 107 -24.78 0.87 18.48
CA ALA A 107 -24.13 0.28 17.34
C ALA A 107 -25.07 0.35 16.13
N SER A 108 -24.50 0.27 14.95
CA SER A 108 -25.27 0.16 13.74
C SER A 108 -25.77 -1.26 13.61
N ASN A 109 -26.91 -1.44 12.95
CA ASN A 109 -27.28 -2.76 12.56
C ASN A 109 -27.50 -2.83 11.06
N LYS A 110 -26.84 -1.95 10.34
CA LYS A 110 -26.81 -2.03 8.87
C LYS A 110 -25.37 -2.27 8.38
N ALA A 111 -25.21 -3.28 7.54
CA ALA A 111 -23.91 -3.58 6.97
C ALA A 111 -23.54 -2.58 5.85
N SER A 112 -22.24 -2.36 5.68
CA SER A 112 -21.69 -1.77 4.46
C SER A 112 -22.11 -2.51 3.19
N GLY A 113 -22.24 -1.75 2.10
CA GLY A 113 -22.46 -2.33 0.78
C GLY A 113 -21.22 -3.14 0.39
N PRO A 114 -21.37 -4.05 -0.59
CA PRO A 114 -20.31 -5.01 -0.93
C PRO A 114 -19.04 -4.34 -1.45
N ILE A 115 -17.89 -4.94 -1.16
CA ILE A 115 -16.59 -4.32 -1.47
C ILE A 115 -16.35 -4.14 -2.97
N LEU A 116 -15.57 -3.12 -3.30
CA LEU A 116 -15.10 -2.92 -4.68
C LEU A 116 -13.87 -3.77 -4.91
N ARG A 117 -13.72 -4.30 -6.11
CA ARG A 117 -12.44 -4.89 -6.49
C ARG A 117 -11.79 -4.02 -7.57
N PRO A 118 -11.02 -3.02 -7.17
CA PRO A 118 -10.45 -2.10 -8.17
C PRO A 118 -9.58 -2.84 -9.17
N ASP A 119 -9.58 -2.37 -10.43
CA ASP A 119 -8.75 -2.99 -11.48
C ASP A 119 -7.29 -3.09 -11.06
N ARG A 120 -6.67 -4.21 -11.40
CA ARG A 120 -5.25 -4.37 -11.21
C ARG A 120 -4.57 -3.30 -12.05
N PRO A 121 -3.59 -2.58 -11.47
CA PRO A 121 -2.78 -1.62 -12.23
C PRO A 121 -2.34 -2.26 -13.52
N GLN A 122 -2.28 -1.48 -14.58
CA GLN A 122 -1.98 -2.08 -15.88
C GLN A 122 -0.53 -2.52 -16.07
N LYS A 123 0.40 -1.81 -15.43
CA LYS A 123 1.82 -2.04 -15.64
C LYS A 123 2.62 -2.16 -14.35
N PRO A 124 3.71 -2.95 -14.38
CA PRO A 124 4.61 -2.85 -13.25
C PRO A 124 5.03 -1.41 -13.11
N PHE A 125 5.15 -0.94 -11.89
CA PHE A 125 5.53 0.43 -11.57
C PHE A 125 4.42 1.49 -11.76
N ASP A 126 3.23 1.08 -12.19
CA ASP A 126 2.08 1.99 -12.18
C ASP A 126 1.69 2.41 -10.79
N LYS A 127 1.68 1.44 -9.86
CA LYS A 127 1.26 1.71 -8.47
C LYS A 127 2.00 0.83 -7.46
N PHE A 128 2.68 1.47 -6.54
CA PHE A 128 3.26 0.79 -5.38
C PHE A 128 2.29 0.92 -4.21
N PHE A 129 2.14 -0.16 -3.45
CA PHE A 129 1.45 -0.12 -2.15
C PHE A 129 2.52 -0.32 -1.10
N ILE A 130 2.60 0.62 -0.17
CA ILE A 130 3.53 0.52 0.95
C ILE A 130 2.90 0.59 2.37
N ASP A 131 3.60 -0.03 3.32
CA ASP A 131 3.12 -0.21 4.68
C ASP A 131 4.22 -0.76 5.57
N TYR A 132 4.15 -0.45 6.86
CA TYR A 132 5.04 -1.01 7.86
C TYR A 132 4.42 -2.19 8.60
N ILE A 133 5.29 -3.11 8.96
CA ILE A 133 5.03 -4.16 9.93
C ILE A 133 5.89 -3.83 11.13
N GLY A 134 5.39 -4.10 12.34
CA GLY A 134 6.23 -4.00 13.55
C GLY A 134 5.54 -3.28 14.68
N PRO A 135 6.18 -3.19 15.84
CA PRO A 135 7.53 -3.65 16.14
C PRO A 135 7.65 -5.16 16.22
N LEU A 136 8.74 -5.69 15.70
CA LEU A 136 9.04 -7.11 15.78
C LEU A 136 10.08 -7.29 16.90
N PRO A 137 10.38 -8.55 17.30
CA PRO A 137 11.46 -8.71 18.28
C PRO A 137 12.75 -8.07 17.73
N PRO A 138 13.47 -7.28 18.54
CA PRO A 138 14.70 -6.64 18.04
C PRO A 138 15.58 -7.65 17.35
N SER A 139 16.05 -7.29 16.17
CA SER A 139 17.00 -8.11 15.43
C SER A 139 18.04 -7.20 14.80
N GLN A 140 19.30 -7.35 15.24
CA GLN A 140 20.40 -6.45 14.85
C GLN A 140 20.04 -4.99 15.08
N GLY A 141 19.19 -4.72 16.06
CA GLY A 141 18.81 -3.35 16.37
C GLY A 141 17.66 -2.86 15.51
N TYR A 142 17.12 -3.74 14.67
CA TYR A 142 16.02 -3.42 13.79
C TYR A 142 14.67 -3.92 14.34
N LEU A 143 13.63 -3.10 14.15
CA LEU A 143 12.31 -3.38 14.75
C LEU A 143 11.14 -3.41 13.76
N TYR A 144 11.31 -2.82 12.58
CA TYR A 144 10.21 -2.72 11.64
C TYR A 144 10.60 -3.23 10.25
N VAL A 145 9.62 -3.51 9.40
CA VAL A 145 9.89 -3.85 8.03
C VAL A 145 9.03 -2.95 7.17
N LEU A 146 9.66 -2.25 6.21
CA LEU A 146 8.91 -1.50 5.20
C LEU A 146 8.66 -2.49 4.11
N VAL A 147 7.40 -2.64 3.71
CA VAL A 147 7.03 -3.59 2.69
C VAL A 147 6.50 -2.80 1.53
N VAL A 148 7.05 -3.06 0.34
CA VAL A 148 6.63 -2.35 -0.86
C VAL A 148 6.15 -3.38 -1.85
N VAL A 149 4.93 -3.22 -2.35
CA VAL A 149 4.32 -4.22 -3.21
C VAL A 149 3.94 -3.52 -4.50
N ASP A 150 4.43 -4.04 -5.61
CA ASP A 150 4.06 -3.51 -6.90
C ASP A 150 2.66 -4.01 -7.24
N GLY A 151 1.77 -3.09 -7.55
CA GLY A 151 0.37 -3.42 -7.74
C GLY A 151 0.12 -4.47 -8.79
N MET A 152 0.76 -4.33 -9.93
CA MET A 152 0.40 -5.21 -11.04
C MET A 152 1.01 -6.59 -10.86
N THR A 153 2.24 -6.64 -10.39
CA THR A 153 2.95 -7.91 -10.38
C THR A 153 2.91 -8.64 -9.06
N GLY A 154 2.59 -7.91 -7.98
CA GLY A 154 2.75 -8.45 -6.63
C GLY A 154 4.20 -8.53 -6.15
N PHE A 155 5.14 -8.09 -6.99
CA PHE A 155 6.54 -8.23 -6.63
C PHE A 155 6.73 -7.37 -5.40
N THR A 156 7.45 -7.90 -4.41
CA THR A 156 7.56 -7.27 -3.10
C THR A 156 9.01 -7.00 -2.71
N TRP A 157 9.26 -5.84 -2.11
CA TRP A 157 10.59 -5.51 -1.59
C TRP A 157 10.48 -5.28 -0.11
N LEU A 158 11.47 -5.77 0.64
CA LEU A 158 11.45 -5.70 2.11
C LEU A 158 12.65 -4.94 2.64
N TYR A 159 12.40 -3.93 3.47
CA TYR A 159 13.48 -3.16 4.09
C TYR A 159 13.29 -3.12 5.59
N PRO A 160 14.31 -3.61 6.33
CA PRO A 160 14.38 -3.52 7.78
C PRO A 160 14.59 -2.08 8.22
N THR A 161 13.84 -1.61 9.20
CA THR A 161 14.11 -0.28 9.74
C THR A 161 14.13 -0.28 11.26
N LYS A 162 14.54 0.85 11.83
CA LYS A 162 14.60 0.98 13.28
C LYS A 162 13.35 1.67 13.83
N ALA A 163 12.68 2.42 12.96
CA ALA A 163 11.46 3.15 13.28
C ALA A 163 10.60 3.22 12.02
N PRO A 164 9.27 3.34 12.19
CA PRO A 164 8.45 3.53 11.00
C PRO A 164 8.39 5.03 10.64
N SER A 165 9.56 5.60 10.35
CA SER A 165 9.73 7.04 10.11
C SER A 165 9.84 7.43 8.62
N THR A 166 9.59 8.70 8.35
CA THR A 166 9.82 9.27 7.03
C THR A 166 11.27 9.03 6.62
N SER A 167 12.21 9.35 7.49
CA SER A 167 13.60 9.28 7.11
C SER A 167 13.99 7.86 6.70
N ALA A 168 13.51 6.86 7.44
CA ALA A 168 13.79 5.46 7.11
C ALA A 168 13.08 5.05 5.83
N THR A 169 11.89 5.62 5.62
CA THR A 169 11.11 5.34 4.44
C THR A 169 11.84 5.88 3.20
N VAL A 170 12.30 7.13 3.29
CA VAL A 170 13.04 7.79 2.21
C VAL A 170 14.34 7.02 1.90
N LYS A 171 15.09 6.65 2.93
CA LYS A 171 16.32 5.87 2.71
C LYS A 171 16.04 4.62 1.89
N SER A 172 14.97 3.91 2.21
CA SER A 172 14.66 2.62 1.59
C SER A 172 14.17 2.82 0.17
N LEU A 173 13.28 3.78 -0.01
CA LEU A 173 12.75 4.05 -1.33
C LEU A 173 13.79 4.66 -2.28
N ASN A 174 14.72 5.48 -1.78
CA ASN A 174 15.85 5.90 -2.63
C ASN A 174 16.57 4.67 -3.17
N VAL A 175 16.75 3.64 -2.35
CA VAL A 175 17.41 2.42 -2.85
C VAL A 175 16.53 1.74 -3.89
N LEU A 176 15.24 1.62 -3.63
CA LEU A 176 14.37 0.86 -4.53
C LEU A 176 14.21 1.59 -5.85
N THR A 177 14.00 2.91 -5.79
CA THR A 177 13.71 3.70 -6.99
C THR A 177 14.92 3.88 -7.88
N SER A 178 16.09 3.47 -7.39
CA SER A 178 17.21 3.17 -8.25
C SER A 178 16.82 2.30 -9.42
N ILE A 179 15.90 1.36 -9.22
CA ILE A 179 15.57 0.40 -10.28
C ILE A 179 14.58 1.02 -11.26
N ALA A 180 13.57 1.70 -10.71
CA ALA A 180 12.49 2.30 -11.48
C ALA A 180 11.70 3.22 -10.58
N ILE A 181 11.08 4.23 -11.17
CA ILE A 181 10.26 5.17 -10.43
C ILE A 181 8.82 4.81 -10.75
N PRO A 182 7.95 4.79 -9.72
CA PRO A 182 6.56 4.41 -9.99
C PRO A 182 5.71 5.64 -10.23
N LYS A 183 4.61 5.50 -10.96
CA LYS A 183 3.70 6.65 -11.14
C LYS A 183 3.09 7.04 -9.81
N VAL A 184 2.55 6.05 -9.10
CA VAL A 184 1.82 6.28 -7.85
C VAL A 184 2.36 5.43 -6.67
N ILE A 185 2.35 6.03 -5.48
CA ILE A 185 2.58 5.29 -4.25
C ILE A 185 1.36 5.43 -3.34
N HIS A 186 0.75 4.31 -3.01
CA HIS A 186 -0.41 4.30 -2.15
C HIS A 186 -0.02 3.85 -0.76
N SER A 187 -0.42 4.60 0.25
CA SER A 187 -0.21 4.18 1.63
C SER A 187 -1.38 4.58 2.51
N ASP A 188 -1.40 4.04 3.73
CA ASP A 188 -2.32 4.52 4.78
C ASP A 188 -1.83 5.85 5.34
N GLN A 189 -2.51 6.36 6.36
CA GLN A 189 -2.16 7.66 6.95
C GLN A 189 -1.18 7.63 8.14
N GLY A 190 -0.25 6.68 8.11
CA GLY A 190 0.81 6.68 9.12
C GLY A 190 1.66 7.94 9.04
N ALA A 191 2.19 8.36 10.20
CA ALA A 191 3.01 9.58 10.27
C ALA A 191 4.13 9.63 9.22
N ALA A 192 4.80 8.50 8.99
CA ALA A 192 5.87 8.39 8.00
C ALA A 192 5.48 8.81 6.60
N PHE A 193 4.24 8.56 6.20
CA PHE A 193 3.82 8.76 4.81
C PHE A 193 3.08 10.06 4.56
N THR A 194 2.68 10.75 5.63
CA THR A 194 1.82 11.95 5.52
C THR A 194 2.60 13.22 5.80
N SER A 195 3.85 13.09 6.24
CA SER A 195 4.71 14.24 6.56
C SER A 195 5.04 15.07 5.32
N SER A 196 5.31 16.35 5.52
CA SER A 196 5.59 17.20 4.36
C SER A 196 6.95 16.83 3.75
N THR A 197 7.87 16.37 4.58
CA THR A 197 9.14 15.86 4.07
C THR A 197 8.92 14.74 3.05
N PHE A 198 7.98 13.84 3.32
CA PHE A 198 7.78 12.73 2.40
C PHE A 198 7.06 13.22 1.13
N ALA A 199 6.15 14.17 1.28
CA ALA A 199 5.45 14.74 0.12
C ALA A 199 6.46 15.39 -0.83
N GLU A 200 7.40 16.15 -0.26
CA GLU A 200 8.46 16.80 -1.02
C GLU A 200 9.26 15.76 -1.78
N TRP A 201 9.67 14.71 -1.05
CA TRP A 201 10.47 13.64 -1.62
C TRP A 201 9.79 13.06 -2.86
N ALA A 202 8.47 12.93 -2.83
CA ALA A 202 7.72 12.38 -3.95
C ALA A 202 7.51 13.38 -5.10
N LYS A 203 7.30 14.65 -4.75
CA LYS A 203 7.11 15.72 -5.74
C LYS A 203 8.40 15.84 -6.56
N GLU A 204 9.54 15.84 -5.86
CA GLU A 204 10.86 15.84 -6.47
C GLU A 204 11.00 14.78 -7.55
N ARG A 205 10.24 13.68 -7.46
CA ARG A 205 10.46 12.57 -8.39
C ARG A 205 9.27 12.34 -9.32
N GLY A 206 8.31 13.26 -9.28
CA GLY A 206 7.16 13.14 -10.12
C GLY A 206 6.31 11.96 -9.75
N ILE A 207 6.39 11.53 -8.49
CA ILE A 207 5.55 10.46 -7.94
C ILE A 207 4.29 11.02 -7.26
N HIS A 208 3.11 10.52 -7.64
CA HIS A 208 1.86 10.93 -6.96
C HIS A 208 1.55 10.09 -5.68
N LEU A 209 1.40 10.75 -4.54
CA LEU A 209 1.02 10.09 -3.29
C LEU A 209 -0.50 9.91 -3.20
N GLU A 210 -0.92 8.65 -3.05
CA GLU A 210 -2.33 8.33 -2.89
C GLU A 210 -2.50 7.80 -1.47
N PHE A 211 -3.49 8.32 -0.74
CA PHE A 211 -3.76 7.87 0.64
C PHE A 211 -5.06 7.11 0.82
N SER A 212 -4.98 6.02 1.59
CA SER A 212 -6.17 5.30 2.04
C SER A 212 -7.05 6.24 2.84
N THR A 213 -8.36 6.03 2.79
CA THR A 213 -9.23 6.64 3.81
C THR A 213 -8.71 6.22 5.19
N PRO A 214 -8.92 7.05 6.21
CA PRO A 214 -8.26 6.72 7.49
C PRO A 214 -8.86 5.48 8.19
N TYR A 215 -8.00 4.74 8.88
CA TYR A 215 -8.39 3.58 9.69
C TYR A 215 -9.17 2.52 8.91
N HIS A 216 -8.70 2.24 7.70
CA HIS A 216 -9.33 1.29 6.80
C HIS A 216 -8.29 0.51 6.01
N PRO A 217 -7.56 -0.39 6.70
CA PRO A 217 -6.45 -1.14 6.08
C PRO A 217 -6.81 -1.99 4.85
N GLN A 218 -8.08 -2.34 4.68
CA GLN A 218 -8.59 -2.91 3.43
CA GLN A 218 -8.58 -2.89 3.42
C GLN A 218 -8.05 -2.13 2.22
N SER A 219 -8.02 -0.80 2.34
CA SER A 219 -7.65 0.05 1.25
C SER A 219 -6.22 -0.20 0.84
N SER A 220 -5.34 -0.50 1.80
CA SER A 220 -3.97 -0.94 1.50
C SER A 220 -3.86 -2.46 1.35
N GLY A 221 -4.99 -3.12 1.10
CA GLY A 221 -5.10 -4.57 1.14
C GLY A 221 -4.08 -5.37 0.33
N LYS A 222 -3.59 -4.79 -0.77
CA LYS A 222 -2.58 -5.43 -1.60
C LYS A 222 -1.33 -5.67 -0.81
N VAL A 223 -0.92 -4.70 0.00
CA VAL A 223 0.28 -4.87 0.78
C VAL A 223 -0.01 -5.51 2.13
N GLU A 224 -1.19 -5.25 2.71
CA GLU A 224 -1.51 -5.80 4.03
C GLU A 224 -1.46 -7.29 3.90
N ARG A 225 -2.02 -7.79 2.80
CA ARG A 225 -2.11 -9.23 2.61
C ARG A 225 -0.75 -9.86 2.45
N LYS A 226 0.20 -9.08 1.98
CA LYS A 226 1.52 -9.62 1.81
C LYS A 226 2.21 -9.85 3.18
N HIS A 227 1.92 -8.99 4.16
CA HIS A 227 2.39 -9.16 5.55
C HIS A 227 2.18 -10.57 6.11
N SER A 228 1.00 -11.10 5.89
CA SER A 228 0.64 -12.39 6.38
C SER A 228 1.58 -13.45 5.80
N ASP A 229 1.86 -13.39 4.51
CA ASP A 229 2.76 -14.34 3.86
C ASP A 229 4.17 -14.17 4.39
N ILE A 230 4.61 -12.92 4.59
CA ILE A 230 5.94 -12.64 5.09
C ILE A 230 6.13 -13.21 6.48
N LYS A 231 5.22 -12.87 7.41
CA LYS A 231 5.33 -13.30 8.81
C LYS A 231 5.20 -14.82 8.89
N ARG A 232 4.34 -15.36 8.03
CA ARG A 232 4.09 -16.78 8.05
C ARG A 232 5.38 -17.55 7.72
N LEU A 233 6.09 -17.09 6.68
CA LEU A 233 7.33 -17.74 6.26
C LEU A 233 8.45 -17.48 7.26
N LEU A 234 8.49 -16.28 7.83
CA LEU A 234 9.45 -16.04 8.89
C LEU A 234 9.23 -17.00 10.06
N THR A 235 7.97 -17.18 10.44
CA THR A 235 7.62 -18.02 11.56
C THR A 235 8.12 -19.45 11.33
N LYS A 236 7.79 -20.03 10.18
CA LYS A 236 8.19 -21.40 9.84
C LYS A 236 9.71 -21.54 9.85
N LEU A 237 10.40 -20.53 9.33
CA LEU A 237 11.83 -20.62 9.23
C LEU A 237 12.47 -20.49 10.60
N LEU A 238 11.77 -19.82 11.52
CA LEU A 238 12.31 -19.53 12.84
C LEU A 238 11.87 -20.54 13.92
N VAL A 239 11.05 -21.53 13.54
CA VAL A 239 10.58 -22.51 14.51
C VAL A 239 11.76 -23.12 15.28
N GLY A 240 11.67 -23.08 16.62
CA GLY A 240 12.66 -23.69 17.49
C GLY A 240 13.99 -22.99 17.46
N ARG A 241 14.04 -21.76 16.94
CA ARG A 241 15.24 -20.94 16.97
C ARG A 241 14.89 -19.60 17.58
N PRO A 242 15.90 -18.87 18.08
CA PRO A 242 15.58 -17.49 18.45
C PRO A 242 15.18 -16.67 17.20
N THR A 243 14.31 -15.68 17.40
CA THR A 243 13.71 -14.92 16.31
C THR A 243 14.65 -13.89 15.68
N LYS A 244 15.74 -14.38 15.10
CA LYS A 244 16.72 -13.59 14.36
C LYS A 244 16.24 -13.41 12.90
N TRP A 245 15.33 -12.47 12.69
CA TRP A 245 14.66 -12.31 11.39
C TRP A 245 15.39 -11.42 10.36
N TYR A 246 16.16 -10.46 10.83
CA TYR A 246 16.89 -9.53 9.97
C TYR A 246 17.67 -10.21 8.83
N ASP A 247 18.42 -11.25 9.14
CA ASP A 247 19.17 -11.99 8.14
C ASP A 247 18.29 -12.81 7.22
N LEU A 248 17.01 -12.91 7.54
CA LEU A 248 16.16 -13.77 6.72
C LEU A 248 15.32 -12.95 5.75
N LEU A 249 15.25 -11.64 5.93
CA LEU A 249 14.45 -10.83 5.02
C LEU A 249 14.78 -11.10 3.55
N PRO A 250 16.08 -11.07 3.18
CA PRO A 250 16.47 -11.30 1.80
C PRO A 250 15.99 -12.65 1.29
N VAL A 251 16.13 -13.68 2.11
CA VAL A 251 15.68 -15.01 1.74
C VAL A 251 14.16 -15.03 1.55
N VAL A 252 13.46 -14.33 2.44
CA VAL A 252 12.01 -14.37 2.39
C VAL A 252 11.54 -13.61 1.16
N GLN A 253 12.04 -12.39 0.97
CA GLN A 253 11.78 -11.62 -0.26
C GLN A 253 11.94 -12.49 -1.51
N LEU A 254 13.13 -13.09 -1.65
CA LEU A 254 13.38 -13.92 -2.82
C LEU A 254 12.39 -15.09 -2.91
N ALA A 255 12.12 -15.74 -1.77
CA ALA A 255 11.23 -16.90 -1.75
C ALA A 255 9.81 -16.57 -2.20
N LEU A 256 9.27 -15.48 -1.66
CA LEU A 256 7.90 -15.05 -1.99
C LEU A 256 7.77 -14.53 -3.43
N ASN A 257 8.75 -13.77 -3.90
CA ASN A 257 8.72 -13.25 -5.26
C ASN A 257 8.79 -14.36 -6.33
N ASN A 258 9.30 -15.52 -5.93
CA ASN A 258 9.34 -16.67 -6.84
C ASN A 258 8.34 -17.79 -6.54
N THR A 259 7.31 -17.45 -5.76
CA THR A 259 6.23 -18.36 -5.43
C THR A 259 5.00 -18.18 -6.35
N TYR A 260 4.45 -19.31 -6.79
CA TYR A 260 3.28 -19.29 -7.63
C TYR A 260 2.03 -18.90 -6.85
N SER A 261 1.21 -18.04 -7.44
CA SER A 261 -0.14 -17.84 -6.95
C SER A 261 -1.05 -18.78 -7.73
N PRO A 262 -1.69 -19.75 -7.03
CA PRO A 262 -2.44 -20.75 -7.76
C PRO A 262 -3.54 -20.22 -8.69
N VAL A 263 -4.11 -19.06 -8.37
CA VAL A 263 -5.20 -18.54 -9.20
C VAL A 263 -4.66 -17.87 -10.47
N LEU A 264 -3.44 -17.33 -10.37
CA LEU A 264 -2.82 -16.67 -11.51
C LEU A 264 -1.98 -17.64 -12.32
N LYS A 265 -1.43 -18.66 -11.67
CA LYS A 265 -0.51 -19.62 -12.31
C LYS A 265 0.83 -19.01 -12.68
N TYR A 266 1.20 -17.92 -12.02
CA TYR A 266 2.46 -17.27 -12.25
C TYR A 266 3.07 -16.82 -10.93
N THR A 267 4.39 -16.60 -10.92
CA THR A 267 5.04 -16.01 -9.78
C THR A 267 5.12 -14.51 -10.02
N PRO A 268 5.19 -13.73 -8.94
CA PRO A 268 5.36 -12.29 -9.17
C PRO A 268 6.65 -11.96 -9.95
N HIS A 269 7.69 -12.76 -9.78
CA HIS A 269 8.95 -12.53 -10.52
C HIS A 269 8.65 -12.62 -12.02
N GLN A 270 8.00 -13.73 -12.41
CA GLN A 270 7.54 -13.95 -13.79
C GLN A 270 6.73 -12.79 -14.33
N LEU A 271 5.75 -12.33 -13.58
CA LEU A 271 4.97 -11.19 -14.05
C LEU A 271 5.80 -9.92 -14.20
N LEU A 272 6.89 -9.80 -13.46
CA LEU A 272 7.70 -8.58 -13.59
C LEU A 272 8.74 -8.64 -14.73
N PHE A 273 9.29 -9.84 -14.97
CA PHE A 273 10.42 -9.99 -15.89
C PHE A 273 10.10 -10.87 -17.10
N GLY A 274 9.09 -11.71 -16.96
CA GLY A 274 8.67 -12.57 -18.07
C GLY A 274 9.58 -13.78 -18.23
N ILE A 275 10.54 -13.91 -17.32
CA ILE A 275 11.42 -15.07 -17.31
C ILE A 275 12.04 -15.29 -15.93
N ASP A 276 12.11 -16.54 -15.49
CA ASP A 276 12.72 -16.85 -14.20
C ASP A 276 14.21 -16.59 -14.26
N SER A 277 14.77 -16.15 -13.14
CA SER A 277 16.21 -16.07 -12.99
C SER A 277 16.75 -17.43 -12.55
N ASN A 278 17.98 -17.47 -12.07
CA ASN A 278 18.62 -18.74 -11.73
C ASN A 278 18.20 -19.25 -10.34
N THR A 279 16.93 -19.54 -10.16
CA THR A 279 16.44 -19.98 -8.86
C THR A 279 15.99 -21.41 -9.00
N PRO A 280 15.79 -22.12 -7.89
CA PRO A 280 15.44 -23.52 -8.08
C PRO A 280 14.13 -23.69 -8.83
N PHE A 281 14.06 -24.71 -9.66
CA PHE A 281 12.84 -25.06 -10.40
C PHE A 281 12.39 -23.97 -11.36
N ALA A 282 13.37 -23.31 -11.99
CA ALA A 282 13.08 -22.26 -12.95
C ALA A 282 12.26 -22.82 -14.10
N ASN A 283 11.23 -22.08 -14.51
CA ASN A 283 10.43 -22.49 -15.64
C ASN A 283 11.21 -22.29 -16.94
N GLN A 284 11.09 -23.24 -17.86
CA GLN A 284 11.95 -23.22 -19.05
C GLN A 284 11.18 -23.12 -20.36
N ASP A 285 9.88 -22.86 -20.27
CA ASP A 285 9.00 -22.90 -21.41
C ASP A 285 9.30 -21.91 -22.55
N THR A 286 10.05 -20.86 -22.28
CA THR A 286 10.29 -19.85 -23.30
C THR A 286 11.75 -19.87 -23.77
N LEU A 287 12.39 -21.02 -23.61
CA LEU A 287 13.82 -21.15 -23.88
C LEU A 287 14.16 -20.87 -25.34
N ASP A 288 13.26 -21.24 -26.25
CA ASP A 288 13.48 -21.12 -27.68
C ASP A 288 12.93 -19.82 -28.26
N LEU A 289 12.26 -19.01 -27.44
CA LEU A 289 11.72 -17.74 -27.92
C LEU A 289 12.80 -16.70 -27.85
N THR A 290 12.71 -15.66 -28.66
CA THR A 290 13.61 -14.53 -28.50
C THR A 290 13.10 -13.73 -27.30
N ARG A 291 13.93 -12.85 -26.78
CA ARG A 291 13.49 -11.99 -25.73
C ARG A 291 12.24 -11.27 -26.22
N GLU A 292 12.30 -10.75 -27.43
CA GLU A 292 11.21 -9.98 -27.98
C GLU A 292 9.94 -10.82 -28.05
N GLU A 293 10.08 -12.06 -28.50
CA GLU A 293 8.94 -12.99 -28.48
C GLU A 293 8.43 -13.20 -27.05
N GLU A 294 9.37 -13.36 -26.12
CA GLU A 294 9.06 -13.52 -24.70
C GLU A 294 8.27 -12.33 -24.15
N LEU A 295 8.72 -11.11 -24.45
CA LEU A 295 8.09 -9.88 -23.95
C LEU A 295 6.69 -9.70 -24.46
N SER A 296 6.46 -10.26 -25.63
CA SER A 296 5.21 -10.14 -26.31
C SER A 296 4.21 -11.10 -25.67
N LEU A 297 4.66 -12.32 -25.38
CA LEU A 297 3.87 -13.27 -24.61
C LEU A 297 3.59 -12.77 -23.19
N LEU A 298 4.56 -12.08 -22.59
CA LEU A 298 4.36 -11.44 -21.29
C LEU A 298 3.27 -10.36 -21.31
N GLN A 299 3.23 -9.51 -22.33
CA GLN A 299 2.18 -8.48 -22.43
C GLN A 299 0.81 -9.11 -22.44
N GLU A 300 0.72 -10.26 -23.12
CA GLU A 300 -0.52 -11.00 -23.25
C GLU A 300 -0.93 -11.66 -21.93
N ILE A 301 0.02 -12.30 -21.26
CA ILE A 301 -0.20 -12.86 -19.94
C ILE A 301 -0.66 -11.78 -18.95
N ARG A 302 -0.03 -10.61 -19.02
CA ARG A 302 -0.34 -9.54 -18.08
C ARG A 302 -1.78 -9.04 -18.18
N THR A 303 -2.33 -9.02 -19.38
CA THR A 303 -3.66 -8.44 -19.55
C THR A 303 -4.77 -9.46 -19.31
N SER A 304 -4.47 -10.75 -19.47
CA SER A 304 -5.46 -11.79 -19.29
C SER A 304 -5.48 -12.40 -17.88
N LEU A 305 -4.95 -11.68 -16.88
CA LEU A 305 -4.98 -12.20 -15.51
C LEU A 305 -6.40 -12.11 -14.94
N TYR A 306 -6.77 -13.14 -14.20
CA TYR A 306 -8.00 -13.22 -13.44
C TYR A 306 -8.32 -11.94 -12.66
N HIS A 307 -9.54 -11.46 -12.79
CA HIS A 307 -9.99 -10.37 -11.93
C HIS A 307 -11.27 -10.68 -11.15
N PRO A 308 -11.20 -10.61 -9.82
CA PRO A 308 -12.38 -10.92 -8.98
C PRO A 308 -13.50 -9.93 -9.18
N SER A 309 -14.75 -10.33 -8.98
CA SER A 309 -15.85 -9.35 -9.05
C SER A 309 -16.49 -9.03 -7.69
N THR A 310 -16.95 -7.79 -7.55
CA THR A 310 -17.79 -7.33 -6.44
C THR A 310 -18.73 -8.46 -5.98
N PRO A 311 -18.65 -8.85 -4.69
CA PRO A 311 -19.53 -9.90 -4.18
C PRO A 311 -21.00 -9.45 -4.08
N PRO A 312 -21.92 -10.40 -3.87
CA PRO A 312 -23.31 -9.96 -3.63
C PRO A 312 -23.45 -9.15 -2.33
N ALA A 313 -24.29 -8.11 -2.34
CA ALA A 313 -24.63 -7.33 -1.13
C ALA A 313 -25.25 -8.25 -0.07
N SER A 314 -25.04 -7.95 1.21
CA SER A 314 -25.74 -8.71 2.26
C SER A 314 -27.20 -8.25 2.31
N SER A 315 -28.08 -9.05 2.91
CA SER A 315 -29.54 -8.71 2.89
C SER A 315 -29.88 -7.33 3.46
N ARG A 316 -29.08 -6.83 4.39
CA ARG A 316 -29.38 -5.54 5.00
C ARG A 316 -28.21 -4.55 4.97
N SER A 317 -27.81 -4.18 3.76
CA SER A 317 -26.72 -3.21 3.59
C SER A 317 -27.30 -1.84 3.30
N TRP A 318 -26.50 -0.81 3.53
CA TRP A 318 -26.87 0.52 3.13
C TRP A 318 -25.82 1.05 2.14
N SER A 319 -26.26 1.92 1.25
CA SER A 319 -25.31 2.65 0.42
C SER A 319 -25.60 4.13 0.53
N PRO A 320 -24.54 4.95 0.61
CA PRO A 320 -24.66 6.38 0.88
C PRO A 320 -25.26 7.17 -0.27
N VAL A 321 -25.89 8.28 0.09
CA VAL A 321 -26.70 9.11 -0.77
C VAL A 321 -26.31 10.54 -0.40
N VAL A 322 -26.11 11.41 -1.39
CA VAL A 322 -25.74 12.81 -1.11
C VAL A 322 -26.80 13.46 -0.22
N GLY A 323 -26.35 14.17 0.82
CA GLY A 323 -27.28 14.83 1.78
C GLY A 323 -27.65 14.05 3.05
N GLN A 324 -27.50 12.72 3.01
CA GLN A 324 -27.75 11.81 4.15
C GLN A 324 -26.97 12.15 5.42
N LEU A 325 -27.63 12.04 6.57
CA LEU A 325 -26.95 12.14 7.87
C LEU A 325 -26.28 10.81 8.19
N VAL A 326 -25.00 10.88 8.54
CA VAL A 326 -24.20 9.69 8.75
C VAL A 326 -23.24 9.98 9.88
N GLN A 327 -22.65 8.95 10.48
CA GLN A 327 -21.71 9.23 11.56
C GLN A 327 -20.40 8.48 11.39
N GLU A 328 -19.31 9.20 11.61
CA GLU A 328 -17.99 8.59 11.56
C GLU A 328 -17.72 7.86 12.86
N ARG A 329 -17.13 6.68 12.73
CA ARG A 329 -16.66 5.89 13.85
C ARG A 329 -15.53 6.62 14.56
N VAL A 330 -15.59 6.71 15.89
CA VAL A 330 -14.47 7.27 16.65
C VAL A 330 -13.27 6.32 16.50
N ALA A 331 -12.12 6.85 16.14
CA ALA A 331 -11.00 5.97 15.75
C ALA A 331 -10.48 5.15 16.93
N ARG A 332 -10.15 5.83 18.02
CA ARG A 332 -9.57 5.18 19.16
C ARG A 332 -10.26 5.66 20.45
N PRO A 333 -11.51 5.23 20.65
CA PRO A 333 -12.34 5.75 21.72
C PRO A 333 -11.81 5.34 23.07
N ALA A 334 -11.77 6.30 23.97
CA ALA A 334 -11.46 6.02 25.36
C ALA A 334 -12.51 5.13 26.05
N SER A 335 -12.08 4.52 27.14
CA SER A 335 -12.96 3.69 27.93
C SER A 335 -14.20 4.46 28.36
N LEU A 336 -15.36 3.81 28.20
CA LEU A 336 -16.66 4.41 28.56
C LEU A 336 -17.03 5.65 27.77
N ARG A 337 -16.45 5.81 26.58
CA ARG A 337 -16.75 6.96 25.73
C ARG A 337 -17.39 6.51 24.44
N PRO A 338 -18.20 7.39 23.83
CA PRO A 338 -18.91 7.00 22.61
C PRO A 338 -18.01 6.46 21.47
N ARG A 339 -18.57 5.54 20.70
CA ARG A 339 -17.86 4.92 19.61
C ARG A 339 -18.12 5.66 18.30
N TRP A 340 -19.06 6.60 18.33
CA TRP A 340 -19.41 7.38 17.15
C TRP A 340 -19.34 8.87 17.39
N HIS A 341 -18.90 9.59 16.36
CA HIS A 341 -18.96 11.04 16.31
C HIS A 341 -20.40 11.51 16.09
N LYS A 342 -20.62 12.80 16.28
CA LYS A 342 -21.90 13.45 16.02
C LYS A 342 -22.27 13.33 14.55
N PRO A 343 -23.56 13.41 14.24
CA PRO A 343 -23.97 13.28 12.85
C PRO A 343 -23.36 14.33 11.92
N SER A 344 -23.05 13.90 10.71
CA SER A 344 -22.48 14.76 9.69
C SER A 344 -23.17 14.45 8.39
N THR A 345 -22.87 15.22 7.35
CA THR A 345 -23.66 15.14 6.11
C THR A 345 -22.80 14.66 4.96
N VAL A 346 -23.36 13.77 4.14
CA VAL A 346 -22.66 13.29 2.96
C VAL A 346 -22.66 14.39 1.88
N LEU A 347 -21.46 14.92 1.58
CA LEU A 347 -21.28 15.93 0.55
C LEU A 347 -21.19 15.33 -0.84
N LYS A 348 -20.33 14.35 -0.99
CA LYS A 348 -20.10 13.70 -2.28
C LYS A 348 -19.89 12.21 -2.09
N VAL A 349 -20.45 11.45 -3.02
CA VAL A 349 -20.28 10.00 -3.10
C VAL A 349 -19.24 9.73 -4.17
N LEU A 350 -17.98 9.58 -3.75
CA LEU A 350 -16.88 9.29 -4.66
C LEU A 350 -17.05 7.96 -5.38
N ASN A 351 -17.51 6.93 -4.67
CA ASN A 351 -17.88 5.63 -5.27
C ASN A 351 -18.78 4.95 -4.25
N PRO A 352 -19.30 3.74 -4.54
CA PRO A 352 -20.30 3.29 -3.57
C PRO A 352 -19.77 2.98 -2.15
N ARG A 353 -18.44 3.00 -1.96
CA ARG A 353 -17.85 2.62 -0.68
C ARG A 353 -17.04 3.74 -0.04
N THR A 354 -17.06 4.93 -0.67
CA THR A 354 -16.20 6.05 -0.28
C THR A 354 -16.97 7.37 -0.43
N VAL A 355 -16.90 8.22 0.59
CA VAL A 355 -17.63 9.48 0.62
C VAL A 355 -16.85 10.62 1.26
N VAL A 356 -17.20 11.84 0.85
CA VAL A 356 -16.76 13.05 1.53
C VAL A 356 -17.91 13.48 2.39
N ILE A 357 -17.60 13.78 3.65
CA ILE A 357 -18.59 14.28 4.59
C ILE A 357 -18.16 15.63 5.13
N LEU A 358 -19.17 16.43 5.48
CA LEU A 358 -18.99 17.64 6.26
C LEU A 358 -19.31 17.35 7.72
N ASP A 359 -18.32 17.47 8.60
CA ASP A 359 -18.46 16.87 9.94
C ASP A 359 -19.37 17.53 10.99
N HIS A 360 -19.54 18.86 10.89
CA HIS A 360 -20.19 19.74 11.92
C HIS A 360 -19.23 20.82 12.47
N LEU A 361 -17.94 20.66 12.19
CA LEU A 361 -16.91 21.65 12.54
C LEU A 361 -16.91 22.92 11.65
N GLY A 362 -17.17 22.80 10.34
CA GLY A 362 -17.25 21.56 9.61
C GLY A 362 -16.06 21.43 8.65
N ASN A 363 -15.33 20.33 8.75
CA ASN A 363 -14.31 20.01 7.78
C ASN A 363 -14.83 18.99 6.80
N ASN A 364 -14.29 19.04 5.58
CA ASN A 364 -14.44 18.00 4.60
C ASN A 364 -13.54 16.83 5.02
N ARG A 365 -14.09 15.63 5.03
CA ARG A 365 -13.31 14.45 5.35
C ARG A 365 -13.64 13.35 4.35
N THR A 366 -12.61 12.71 3.80
CA THR A 366 -12.82 11.59 2.89
C THR A 366 -12.73 10.31 3.69
N VAL A 367 -13.73 9.46 3.57
CA VAL A 367 -13.97 8.49 4.61
C VAL A 367 -14.55 7.21 4.02
N SER A 368 -14.18 6.06 4.60
CA SER A 368 -14.71 4.78 4.11
C SER A 368 -16.10 4.57 4.66
N ILE A 369 -16.96 3.96 3.86
CA ILE A 369 -18.31 3.64 4.31
C ILE A 369 -18.27 2.70 5.56
N ASP A 370 -17.23 1.86 5.64
CA ASP A 370 -17.02 0.96 6.78
C ASP A 370 -16.80 1.71 8.08
N ASN A 371 -16.34 2.96 8.02
CA ASN A 371 -16.23 3.79 9.22
C ASN A 371 -17.43 4.74 9.40
N LEU A 372 -18.54 4.37 8.79
CA LEU A 372 -19.75 5.16 8.85
C LEU A 372 -20.99 4.36 9.25
N LYS A 373 -21.88 5.01 9.97
CA LYS A 373 -23.23 4.49 10.05
C LYS A 373 -24.22 5.56 9.60
N PRO A 374 -25.31 5.12 8.96
CA PRO A 374 -26.40 6.06 8.69
C PRO A 374 -27.08 6.39 10.00
N THR A 375 -27.13 7.67 10.33
CA THR A 375 -27.85 8.12 11.53
C THR A 375 -29.28 7.55 11.55
N SER A 376 -29.63 6.91 12.66
CA SER A 376 -30.91 6.23 12.79
C SER A 376 -32.06 7.18 13.02
N HIS A 377 -33.27 6.73 12.67
CA HIS A 377 -34.51 7.50 12.89
C HIS A 377 -34.52 8.84 12.15
N GLN A 378 -33.83 8.92 11.01
CA GLN A 378 -33.76 10.13 10.15
C GLN A 378 -33.20 11.41 10.82
N ASP B 119 21.46 -23.10 -31.10
CA ASP B 119 21.81 -22.44 -29.80
C ASP B 119 20.72 -21.42 -29.38
N ARG B 120 20.36 -21.45 -28.09
CA ARG B 120 19.20 -20.70 -27.55
C ARG B 120 19.43 -19.18 -27.48
N PRO B 121 18.38 -18.38 -27.76
CA PRO B 121 18.53 -16.92 -27.71
C PRO B 121 18.95 -16.39 -26.33
N GLN B 122 19.63 -15.25 -26.35
CA GLN B 122 20.16 -14.65 -25.16
C GLN B 122 19.01 -14.05 -24.33
N LYS B 123 19.10 -14.18 -23.01
CA LYS B 123 18.04 -13.73 -22.09
C LYS B 123 18.63 -12.97 -20.91
N PRO B 124 17.82 -12.10 -20.25
CA PRO B 124 18.24 -11.47 -18.99
C PRO B 124 18.53 -12.53 -17.96
N PHE B 125 19.49 -12.27 -17.08
CA PHE B 125 19.91 -13.23 -16.04
C PHE B 125 20.81 -14.36 -16.54
N ASP B 126 21.09 -14.40 -17.84
CA ASP B 126 22.06 -15.36 -18.38
C ASP B 126 23.47 -15.06 -17.87
N LYS B 127 23.81 -13.78 -17.80
CA LYS B 127 25.15 -13.39 -17.49
C LYS B 127 25.18 -12.01 -16.86
N PHE B 128 25.78 -11.93 -15.69
CA PHE B 128 26.02 -10.64 -15.03
C PHE B 128 27.50 -10.34 -15.15
N PHE B 129 27.83 -9.13 -15.59
CA PHE B 129 29.20 -8.73 -15.71
C PHE B 129 29.42 -7.81 -14.54
N ILE B 130 30.38 -8.17 -13.69
CA ILE B 130 30.66 -7.39 -12.49
C ILE B 130 32.06 -6.80 -12.48
N ASP B 131 32.20 -5.61 -11.92
CA ASP B 131 33.47 -4.97 -11.90
C ASP B 131 33.50 -3.87 -10.87
N TYR B 132 34.69 -3.51 -10.42
CA TYR B 132 34.84 -2.43 -9.46
C TYR B 132 35.35 -1.17 -10.12
N ILE B 133 34.86 -0.03 -9.67
CA ILE B 133 35.34 1.27 -10.10
C ILE B 133 35.85 1.99 -8.86
N GLY B 134 37.02 2.62 -8.96
CA GLY B 134 37.63 3.32 -7.84
C GLY B 134 39.09 2.96 -7.62
N PRO B 135 39.72 3.50 -6.57
CA PRO B 135 39.18 4.34 -5.49
C PRO B 135 38.57 5.64 -6.00
N LEU B 136 37.59 6.14 -5.28
CA LEU B 136 37.01 7.44 -5.58
C LEU B 136 37.20 8.37 -4.39
N PRO B 137 36.93 9.67 -4.57
CA PRO B 137 36.93 10.53 -3.38
C PRO B 137 35.89 9.99 -2.40
N PRO B 138 36.20 9.98 -1.10
CA PRO B 138 35.28 9.37 -0.13
C PRO B 138 33.94 10.06 -0.16
N SER B 139 32.86 9.28 -0.21
CA SER B 139 31.51 9.85 -0.12
C SER B 139 30.68 9.08 0.90
N GLN B 140 30.24 9.78 1.96
CA GLN B 140 29.60 9.13 3.11
C GLN B 140 30.40 7.90 3.56
N GLY B 141 31.73 7.99 3.48
CA GLY B 141 32.59 6.89 3.91
C GLY B 141 32.77 5.76 2.91
N TYR B 142 32.21 5.90 1.70
CA TYR B 142 32.38 4.90 0.64
C TYR B 142 33.43 5.32 -0.38
N LEU B 143 34.10 4.34 -0.98
CA LEU B 143 35.22 4.60 -1.90
C LEU B 143 35.14 3.95 -3.27
N TYR B 144 34.31 2.93 -3.42
CA TYR B 144 34.27 2.14 -4.64
C TYR B 144 32.82 1.92 -5.09
N VAL B 145 32.66 1.56 -6.37
CA VAL B 145 31.35 1.18 -6.86
C VAL B 145 31.51 -0.19 -7.48
N LEU B 146 30.74 -1.16 -7.01
CA LEU B 146 30.65 -2.43 -7.68
C LEU B 146 29.61 -2.23 -8.76
N VAL B 147 29.93 -2.66 -9.98
CA VAL B 147 29.09 -2.39 -11.15
C VAL B 147 28.65 -3.72 -11.68
N VAL B 148 27.35 -3.86 -11.89
CA VAL B 148 26.81 -5.10 -12.38
C VAL B 148 26.00 -4.76 -13.61
N VAL B 149 26.31 -5.43 -14.72
CA VAL B 149 25.58 -5.18 -15.93
C VAL B 149 25.02 -6.47 -16.44
N ASP B 150 23.70 -6.51 -16.64
CA ASP B 150 23.12 -7.67 -17.29
C ASP B 150 23.55 -7.71 -18.78
N GLY B 151 24.01 -8.87 -19.21
CA GLY B 151 24.57 -9.06 -20.53
C GLY B 151 23.57 -8.87 -21.65
N MET B 152 22.42 -9.50 -21.54
CA MET B 152 21.42 -9.42 -22.60
C MET B 152 20.72 -8.07 -22.63
N THR B 153 20.41 -7.48 -21.49
CA THR B 153 19.59 -6.24 -21.47
C THR B 153 20.38 -4.97 -21.41
N GLY B 154 21.63 -5.04 -20.97
CA GLY B 154 22.39 -3.83 -20.65
C GLY B 154 21.98 -3.15 -19.35
N PHE B 155 21.10 -3.80 -18.57
CA PHE B 155 20.62 -3.22 -17.30
C PHE B 155 21.74 -3.16 -16.26
N THR B 156 21.87 -2.01 -15.62
CA THR B 156 22.97 -1.78 -14.70
C THR B 156 22.48 -1.64 -13.27
N TRP B 157 23.19 -2.29 -12.36
CA TRP B 157 23.02 -2.08 -10.94
C TRP B 157 24.33 -1.59 -10.38
N LEU B 158 24.28 -0.59 -9.51
CA LEU B 158 25.49 -0.05 -8.84
C LEU B 158 25.42 -0.23 -7.32
N TYR B 159 26.55 -0.56 -6.69
CA TYR B 159 26.61 -0.69 -5.23
C TYR B 159 27.85 -0.03 -4.68
N PRO B 160 27.66 0.94 -3.77
CA PRO B 160 28.83 1.56 -3.13
C PRO B 160 29.46 0.57 -2.14
N THR B 161 30.80 0.50 -2.13
CA THR B 161 31.51 -0.29 -1.13
C THR B 161 32.65 0.52 -0.53
N LYS B 162 33.20 0.02 0.57
CA LYS B 162 34.33 0.65 1.25
C LYS B 162 35.65 0.08 0.76
N ALA B 163 35.58 -0.97 -0.05
CA ALA B 163 36.77 -1.70 -0.50
C ALA B 163 36.45 -2.70 -1.60
N PRO B 164 37.42 -3.00 -2.48
CA PRO B 164 37.19 -4.02 -3.47
C PRO B 164 37.51 -5.40 -2.92
N SER B 165 36.91 -5.74 -1.78
CA SER B 165 37.17 -7.02 -1.12
C SER B 165 36.12 -8.04 -1.49
N THR B 166 36.42 -9.32 -1.26
CA THR B 166 35.44 -10.39 -1.41
C THR B 166 34.23 -10.12 -0.52
N SER B 167 34.50 -9.69 0.70
CA SER B 167 33.43 -9.45 1.67
C SER B 167 32.46 -8.32 1.25
N ALA B 168 32.99 -7.18 0.82
CA ALA B 168 32.14 -6.11 0.26
C ALA B 168 31.37 -6.56 -1.01
N THR B 169 31.98 -7.46 -1.78
CA THR B 169 31.37 -8.00 -2.99
C THR B 169 30.20 -8.91 -2.63
N VAL B 170 30.45 -9.88 -1.76
CA VAL B 170 29.41 -10.79 -1.25
C VAL B 170 28.24 -10.01 -0.60
N LYS B 171 28.57 -8.99 0.17
CA LYS B 171 27.58 -8.18 0.84
C LYS B 171 26.68 -7.45 -0.18
N SER B 172 27.29 -6.87 -1.22
CA SER B 172 26.52 -6.21 -2.27
C SER B 172 25.72 -7.19 -3.14
N LEU B 173 26.36 -8.27 -3.56
CA LEU B 173 25.67 -9.22 -4.44
C LEU B 173 24.52 -9.94 -3.73
N ASN B 174 24.60 -10.03 -2.40
CA ASN B 174 23.51 -10.59 -1.62
C ASN B 174 22.27 -9.73 -1.73
N VAL B 175 22.46 -8.41 -1.78
CA VAL B 175 21.34 -7.54 -2.03
C VAL B 175 20.74 -7.82 -3.41
N LEU B 176 21.56 -7.69 -4.46
CA LEU B 176 21.11 -8.02 -5.81
C LEU B 176 20.52 -9.43 -5.96
N THR B 177 21.15 -10.43 -5.37
CA THR B 177 20.70 -11.79 -5.64
C THR B 177 19.46 -12.16 -4.81
N SER B 178 18.98 -11.22 -4.01
CA SER B 178 17.69 -11.35 -3.38
C SER B 178 16.58 -10.81 -4.32
N ILE B 179 16.99 -10.27 -5.48
CA ILE B 179 16.05 -9.89 -6.52
C ILE B 179 16.15 -10.81 -7.74
N ALA B 180 17.36 -11.09 -8.18
CA ALA B 180 17.56 -11.96 -9.35
C ALA B 180 18.89 -12.66 -9.27
N ILE B 181 18.89 -13.94 -9.57
CA ILE B 181 20.14 -14.70 -9.58
C ILE B 181 20.58 -15.00 -11.03
N PRO B 182 21.81 -14.59 -11.39
CA PRO B 182 22.38 -14.83 -12.73
C PRO B 182 22.83 -16.27 -12.83
N LYS B 183 22.76 -16.86 -14.03
CA LYS B 183 23.35 -18.19 -14.26
C LYS B 183 24.89 -18.14 -14.16
N VAL B 184 25.46 -17.09 -14.73
CA VAL B 184 26.90 -16.92 -14.82
C VAL B 184 27.24 -15.52 -14.35
N ILE B 185 28.29 -15.42 -13.55
CA ILE B 185 28.92 -14.12 -13.31
C ILE B 185 30.24 -14.03 -14.10
N HIS B 186 30.41 -12.97 -14.86
CA HIS B 186 31.65 -12.76 -15.58
C HIS B 186 32.44 -11.64 -14.96
N SER B 187 33.73 -11.89 -14.74
CA SER B 187 34.58 -10.84 -14.18
C SER B 187 35.99 -10.97 -14.70
N ASP B 188 36.78 -9.92 -14.54
CA ASP B 188 38.24 -10.02 -14.65
C ASP B 188 38.81 -10.77 -13.43
N GLN B 189 40.13 -10.87 -13.35
CA GLN B 189 40.77 -11.66 -12.30
C GLN B 189 41.13 -10.82 -11.08
N GLY B 190 40.25 -9.88 -10.73
CA GLY B 190 40.36 -9.17 -9.45
C GLY B 190 40.38 -10.14 -8.28
N ALA B 191 41.18 -9.80 -7.27
CA ALA B 191 41.36 -10.66 -6.10
C ALA B 191 40.02 -10.97 -5.42
N ALA B 192 39.21 -9.93 -5.22
CA ALA B 192 37.87 -10.09 -4.71
C ALA B 192 37.09 -11.19 -5.41
N PHE B 193 37.26 -11.33 -6.73
CA PHE B 193 36.46 -12.29 -7.51
C PHE B 193 37.09 -13.65 -7.62
N THR B 194 38.40 -13.75 -7.44
CA THR B 194 39.08 -15.04 -7.60
C THR B 194 39.35 -15.76 -6.27
N SER B 195 39.04 -15.09 -5.16
CA SER B 195 39.17 -15.68 -3.82
C SER B 195 38.36 -16.97 -3.72
N SER B 196 38.77 -17.88 -2.85
CA SER B 196 38.00 -19.09 -2.69
C SER B 196 36.67 -18.87 -1.92
N THR B 197 36.59 -17.81 -1.10
CA THR B 197 35.36 -17.43 -0.43
C THR B 197 34.30 -17.08 -1.49
N PHE B 198 34.67 -16.19 -2.41
CA PHE B 198 33.77 -15.85 -3.51
C PHE B 198 33.39 -17.06 -4.34
N ALA B 199 34.27 -18.04 -4.44
CA ALA B 199 33.96 -19.24 -5.19
C ALA B 199 32.90 -20.05 -4.45
N GLU B 200 33.04 -20.15 -3.13
CA GLU B 200 32.07 -20.85 -2.29
C GLU B 200 30.70 -20.19 -2.39
N TRP B 201 30.70 -18.87 -2.29
CA TRP B 201 29.48 -18.08 -2.38
C TRP B 201 28.73 -18.39 -3.67
N ALA B 202 29.44 -18.42 -4.79
CA ALA B 202 28.80 -18.68 -6.07
C ALA B 202 28.30 -20.12 -6.16
N LYS B 203 29.08 -21.06 -5.66
CA LYS B 203 28.70 -22.46 -5.73
C LYS B 203 27.41 -22.76 -4.94
N GLU B 204 27.30 -22.13 -3.76
CA GLU B 204 26.12 -22.23 -2.91
C GLU B 204 24.87 -21.80 -3.66
N ARG B 205 25.01 -20.77 -4.49
CA ARG B 205 23.87 -20.26 -5.23
C ARG B 205 23.73 -20.85 -6.62
N GLY B 206 24.56 -21.85 -6.95
CA GLY B 206 24.52 -22.49 -8.27
C GLY B 206 24.93 -21.60 -9.43
N ILE B 207 25.68 -20.54 -9.11
CA ILE B 207 26.19 -19.59 -10.10
C ILE B 207 27.58 -20.03 -10.64
N HIS B 208 27.69 -20.18 -11.95
CA HIS B 208 28.97 -20.48 -12.57
C HIS B 208 29.83 -19.21 -12.65
N LEU B 209 31.07 -19.29 -12.19
CA LEU B 209 32.01 -18.15 -12.32
C LEU B 209 32.81 -18.19 -13.63
N GLU B 210 33.05 -17.03 -14.20
CA GLU B 210 33.76 -16.95 -15.48
C GLU B 210 34.67 -15.74 -15.53
N PHE B 211 35.92 -16.01 -15.86
CA PHE B 211 36.98 -15.02 -15.80
C PHE B 211 37.54 -14.76 -17.19
N SER B 212 37.77 -13.49 -17.48
CA SER B 212 38.52 -13.12 -18.66
C SER B 212 39.99 -13.43 -18.39
N THR B 213 40.75 -13.77 -19.43
CA THR B 213 42.19 -14.00 -19.28
C THR B 213 42.92 -12.73 -18.79
N PRO B 214 43.97 -12.89 -17.94
CA PRO B 214 44.68 -11.72 -17.38
C PRO B 214 45.18 -10.73 -18.43
N TYR B 215 45.07 -9.44 -18.10
CA TYR B 215 45.48 -8.34 -19.00
C TYR B 215 44.68 -8.22 -20.30
N HIS B 216 43.79 -9.18 -20.56
CA HIS B 216 42.91 -9.16 -21.74
C HIS B 216 41.41 -9.23 -21.37
N PRO B 217 40.83 -8.10 -20.89
CA PRO B 217 39.41 -8.08 -20.50
C PRO B 217 38.44 -8.26 -21.69
N GLN B 218 37.72 -9.38 -21.73
CA GLN B 218 36.66 -9.56 -22.73
C GLN B 218 35.29 -9.43 -22.08
N SER B 219 34.41 -8.62 -22.68
CA SER B 219 33.03 -8.52 -22.26
C SER B 219 32.14 -8.86 -23.43
N SER B 220 31.37 -7.86 -23.84
CA SER B 220 30.70 -7.83 -25.11
C SER B 220 30.70 -6.34 -25.45
N GLY B 221 30.44 -6.02 -26.72
CA GLY B 221 30.37 -4.63 -27.14
C GLY B 221 29.43 -3.83 -26.28
N LYS B 222 28.23 -4.38 -26.09
CA LYS B 222 27.17 -3.79 -25.26
C LYS B 222 27.67 -3.43 -23.86
N VAL B 223 28.31 -4.40 -23.22
CA VAL B 223 28.88 -4.19 -21.88
C VAL B 223 30.02 -3.15 -21.86
N GLU B 224 30.97 -3.29 -22.79
CA GLU B 224 32.08 -2.33 -22.88
C GLU B 224 31.60 -0.90 -23.06
N ARG B 225 30.64 -0.72 -23.98
CA ARG B 225 30.03 0.59 -24.21
C ARG B 225 29.27 1.08 -22.98
N LYS B 226 28.60 0.16 -22.28
CA LYS B 226 27.92 0.50 -21.04
C LYS B 226 28.90 0.99 -19.98
N HIS B 227 29.95 0.22 -19.72
CA HIS B 227 31.05 0.63 -18.83
C HIS B 227 31.59 2.00 -19.17
N SER B 228 31.75 2.25 -20.48
CA SER B 228 32.21 3.52 -20.98
C SER B 228 31.24 4.61 -20.54
N ASP B 229 29.95 4.42 -20.81
CA ASP B 229 28.92 5.40 -20.40
C ASP B 229 28.99 5.69 -18.90
N ILE B 230 29.21 4.65 -18.11
CA ILE B 230 29.29 4.77 -16.65
C ILE B 230 30.46 5.65 -16.22
N LYS B 231 31.69 5.28 -16.63
CA LYS B 231 32.88 6.10 -16.33
C LYS B 231 32.69 7.56 -16.77
N ARG B 232 32.12 7.77 -17.95
CA ARG B 232 31.94 9.12 -18.43
C ARG B 232 30.86 9.87 -17.66
N LEU B 233 29.72 9.22 -17.41
CA LEU B 233 28.62 9.84 -16.68
C LEU B 233 28.99 10.21 -15.24
N LEU B 234 29.71 9.33 -14.57
CA LEU B 234 30.18 9.58 -13.21
C LEU B 234 31.08 10.80 -13.18
N THR B 235 32.09 10.78 -14.05
CA THR B 235 33.06 11.88 -14.21
C THR B 235 32.36 13.22 -14.41
N LYS B 236 31.35 13.25 -15.28
CA LYS B 236 30.63 14.48 -15.53
C LYS B 236 29.92 15.01 -14.29
N LEU B 237 29.47 14.09 -13.43
CA LEU B 237 28.71 14.50 -12.25
C LEU B 237 29.55 14.77 -11.00
N LEU B 238 30.66 14.06 -10.85
CA LEU B 238 31.59 14.30 -9.73
C LEU B 238 32.34 15.66 -9.79
N VAL B 239 32.34 16.35 -10.93
CA VAL B 239 33.02 17.66 -10.99
C VAL B 239 32.16 18.71 -10.29
N GLY B 240 32.81 19.52 -9.45
CA GLY B 240 32.10 20.45 -8.56
C GLY B 240 31.69 19.81 -7.24
N ARG B 241 31.34 18.51 -7.30
CA ARG B 241 30.88 17.77 -6.13
C ARG B 241 31.47 16.35 -6.06
N PRO B 242 32.82 16.24 -5.99
CA PRO B 242 33.52 14.93 -6.07
C PRO B 242 33.19 14.00 -4.89
N THR B 243 32.40 14.51 -3.97
CA THR B 243 32.23 13.93 -2.65
C THR B 243 30.75 13.60 -2.40
N LYS B 244 29.89 14.03 -3.34
CA LYS B 244 28.45 13.84 -3.21
C LYS B 244 27.90 12.79 -4.18
N TRP B 245 28.76 11.87 -4.63
CA TRP B 245 28.34 10.82 -5.56
C TRP B 245 27.45 9.75 -4.96
N TYR B 246 27.61 9.48 -3.67
CA TYR B 246 26.79 8.49 -2.99
C TYR B 246 25.30 8.73 -3.25
N ASP B 247 24.85 9.96 -3.08
CA ASP B 247 23.43 10.27 -3.28
C ASP B 247 23.00 10.25 -4.73
N LEU B 248 23.97 10.30 -5.64
CA LEU B 248 23.66 10.37 -7.06
C LEU B 248 23.52 9.01 -7.72
N LEU B 249 24.05 7.97 -7.07
CA LEU B 249 23.94 6.63 -7.62
C LEU B 249 22.53 6.24 -8.10
N PRO B 250 21.47 6.57 -7.35
CA PRO B 250 20.15 6.22 -7.92
C PRO B 250 19.88 6.89 -9.28
N VAL B 251 20.08 8.21 -9.36
CA VAL B 251 19.83 8.92 -10.63
C VAL B 251 20.78 8.48 -11.75
N VAL B 252 22.00 8.10 -11.41
CA VAL B 252 22.91 7.56 -12.40
C VAL B 252 22.30 6.32 -13.03
N GLN B 253 21.96 5.32 -12.23
CA GLN B 253 21.33 4.10 -12.74
C GLN B 253 20.07 4.33 -13.58
N LEU B 254 19.19 5.22 -13.13
CA LEU B 254 17.98 5.49 -13.89
C LEU B 254 18.33 6.01 -15.27
N ALA B 255 19.26 6.96 -15.31
CA ALA B 255 19.79 7.53 -16.56
C ALA B 255 20.32 6.40 -17.43
N LEU B 256 21.26 5.62 -16.89
CA LEU B 256 21.84 4.51 -17.60
C LEU B 256 20.83 3.50 -18.14
N ASN B 257 19.79 3.21 -17.38
CA ASN B 257 18.87 2.13 -17.73
C ASN B 257 17.71 2.60 -18.60
N ASN B 258 17.56 3.92 -18.68
CA ASN B 258 16.61 4.50 -19.61
C ASN B 258 17.30 5.22 -20.78
N THR B 259 18.51 4.77 -21.10
CA THR B 259 19.26 5.29 -22.23
C THR B 259 18.99 4.41 -23.43
N TYR B 260 18.64 5.05 -24.54
CA TYR B 260 18.34 4.35 -25.78
C TYR B 260 19.57 3.62 -26.37
N SER B 261 19.41 2.33 -26.65
CA SER B 261 20.42 1.48 -27.31
C SER B 261 20.28 1.54 -28.84
N PRO B 262 21.33 2.04 -29.55
CA PRO B 262 21.27 2.03 -31.03
C PRO B 262 21.14 0.64 -31.66
N VAL B 263 21.84 -0.36 -31.12
CA VAL B 263 21.82 -1.73 -31.68
C VAL B 263 20.41 -2.37 -31.63
N LEU B 264 19.83 -2.53 -30.43
CA LEU B 264 18.39 -2.84 -30.35
C LEU B 264 17.62 -1.52 -30.33
N LYS B 265 16.31 -1.59 -30.54
CA LYS B 265 15.52 -0.38 -30.54
C LYS B 265 15.07 0.01 -29.12
N TYR B 266 15.65 -0.60 -28.09
CA TYR B 266 15.06 -0.49 -26.75
C TYR B 266 16.04 -0.13 -25.66
N THR B 267 15.57 0.54 -24.61
CA THR B 267 16.35 0.77 -23.38
C THR B 267 16.47 -0.51 -22.55
N PRO B 268 17.48 -0.59 -21.66
CA PRO B 268 17.54 -1.75 -20.74
C PRO B 268 16.27 -1.95 -19.90
N HIS B 269 15.68 -0.85 -19.41
CA HIS B 269 14.39 -0.91 -18.76
C HIS B 269 13.38 -1.63 -19.62
N GLN B 270 13.21 -1.18 -20.85
CA GLN B 270 12.25 -1.82 -21.73
C GLN B 270 12.50 -3.30 -21.92
N LEU B 271 13.76 -3.71 -21.94
CA LEU B 271 14.06 -5.11 -22.20
C LEU B 271 13.92 -6.00 -20.98
N LEU B 272 14.10 -5.39 -19.81
CA LEU B 272 14.01 -6.12 -18.56
C LEU B 272 12.54 -6.33 -18.19
N PHE B 273 11.74 -5.29 -18.32
CA PHE B 273 10.38 -5.29 -17.83
C PHE B 273 9.31 -5.34 -18.89
N GLY B 274 9.67 -5.10 -20.15
CA GLY B 274 8.72 -5.20 -21.25
C GLY B 274 7.68 -4.09 -21.25
N ILE B 275 8.07 -2.90 -20.76
CA ILE B 275 7.20 -1.71 -20.73
C ILE B 275 8.03 -0.44 -20.83
N ASP B 276 7.35 0.66 -21.17
CA ASP B 276 7.97 1.97 -21.10
C ASP B 276 8.17 2.33 -19.64
N SER B 277 9.07 3.26 -19.39
CA SER B 277 9.39 3.65 -18.04
C SER B 277 8.68 4.97 -17.75
N ASN B 278 8.55 5.35 -16.49
CA ASN B 278 7.93 6.63 -16.17
C ASN B 278 8.99 7.73 -16.06
N THR B 279 10.23 7.33 -16.29
CA THR B 279 11.33 8.27 -16.37
C THR B 279 12.10 8.05 -17.66
N PRO B 280 11.60 8.61 -18.77
CA PRO B 280 12.36 8.53 -20.01
C PRO B 280 13.37 9.66 -20.01
N PHE B 281 14.63 9.36 -20.31
CA PHE B 281 15.62 10.42 -20.38
C PHE B 281 15.72 10.84 -21.85
N ALA B 282 14.76 11.68 -22.25
CA ALA B 282 14.54 12.08 -23.65
C ALA B 282 15.64 13.04 -24.12
N ASN B 283 16.21 13.79 -23.19
CA ASN B 283 17.48 14.51 -23.41
C ASN B 283 18.66 13.53 -23.46
N GLN B 284 19.03 13.12 -24.68
CA GLN B 284 20.29 12.44 -24.92
C GLN B 284 21.39 13.45 -24.57
N ASP B 285 22.17 13.13 -23.55
CA ASP B 285 23.03 14.12 -22.89
C ASP B 285 24.32 14.46 -23.64
N THR B 286 24.92 15.61 -23.32
CA THR B 286 26.24 15.99 -23.85
C THR B 286 27.28 14.92 -23.50
N LEU B 287 27.34 14.57 -22.21
CA LEU B 287 28.25 13.54 -21.69
C LEU B 287 29.72 13.94 -21.79
N ASP B 288 30.00 14.93 -22.64
CA ASP B 288 31.31 15.55 -22.74
C ASP B 288 31.44 16.64 -21.67
N LEU B 289 32.67 16.84 -21.21
CA LEU B 289 32.96 17.88 -20.22
C LEU B 289 33.14 19.23 -20.92
N THR B 290 32.24 20.20 -20.64
CA THR B 290 32.36 21.56 -21.20
C THR B 290 33.70 22.16 -20.81
N ARG B 291 34.27 22.99 -21.70
CA ARG B 291 35.61 23.55 -21.48
C ARG B 291 35.82 24.15 -20.07
N GLU B 292 34.73 24.67 -19.48
CA GLU B 292 34.73 25.12 -18.08
C GLU B 292 35.15 24.02 -17.10
N GLU B 293 34.42 22.89 -17.14
CA GLU B 293 34.62 21.77 -16.23
C GLU B 293 35.97 21.06 -16.42
N GLU B 294 36.53 21.16 -17.62
CA GLU B 294 37.85 20.60 -17.92
C GLU B 294 38.93 21.29 -17.07
N LEU B 295 38.78 22.59 -16.86
CA LEU B 295 39.68 23.37 -16.00
C LEU B 295 39.38 23.15 -14.52
N SER B 296 38.11 22.89 -14.20
CA SER B 296 37.68 22.56 -12.83
C SER B 296 38.24 21.21 -12.38
N LEU B 297 38.27 20.24 -13.30
CA LEU B 297 38.83 18.92 -13.02
C LEU B 297 40.36 18.97 -12.97
N LEU B 298 40.96 19.77 -13.85
CA LEU B 298 42.40 20.00 -13.84
C LEU B 298 42.83 20.89 -12.65
N GLN B 299 41.86 21.27 -11.82
CA GLN B 299 42.11 22.03 -10.58
C GLN B 299 42.18 21.11 -9.35
N GLU B 300 41.25 20.16 -9.28
CA GLU B 300 41.15 19.21 -8.16
C GLU B 300 42.36 18.27 -8.05
N ILE B 301 43.15 18.18 -9.13
CA ILE B 301 44.38 17.37 -9.17
C ILE B 301 45.64 18.10 -8.65
N ARG B 302 45.51 19.42 -8.42
CA ARG B 302 46.65 20.25 -7.98
C ARG B 302 47.09 19.97 -6.54
ZN ZN E . -31.01 7.84 24.77
S SO4 F . -17.92 14.76 18.08
O1 SO4 F . -16.54 14.35 18.37
O2 SO4 F . -18.04 16.20 18.23
O3 SO4 F . -18.30 14.38 16.71
O4 SO4 F . -18.86 14.14 19.01
C1 GOL G . 11.77 10.97 12.29
O1 GOL G . 13.11 10.85 11.84
C2 GOL G . 10.85 10.91 11.07
O2 GOL G . 11.54 11.54 10.01
C3 GOL G . 9.45 11.51 11.31
O3 GOL G . 8.40 10.70 10.80
C1 GOL H . 20.44 -11.15 16.32
O1 GOL H . 19.27 -11.63 15.74
C2 GOL H . 20.04 -9.87 17.01
O2 GOL H . 21.16 -9.32 17.66
C3 GOL H . 18.94 -10.15 18.04
O3 GOL H . 18.60 -8.98 18.78
C1 GOL I . 8.75 -1.81 -24.63
O1 GOL I . 7.76 -0.88 -25.06
C2 GOL I . 8.77 -2.95 -25.63
O2 GOL I . 7.57 -3.67 -25.56
C3 GOL I . 9.95 -3.90 -25.43
O3 GOL I . 9.86 -4.97 -26.37
C1 GOL J . -44.18 9.01 34.57
O1 GOL J . -45.24 9.66 33.91
C2 GOL J . -44.81 8.00 35.51
O2 GOL J . -45.60 8.71 36.42
C3 GOL J . -43.73 7.24 36.29
O3 GOL J . -44.20 5.93 36.49
N NH4 K . -10.94 0.81 -10.76
MG MG L . 0.24 1.04 8.21
MG MG M . -0.86 -2.49 7.67
S SO4 N . -13.97 0.02 27.01
O1 SO4 N . -13.30 -0.36 28.24
O2 SO4 N . -15.05 0.97 27.31
O3 SO4 N . -13.00 0.60 26.08
O4 SO4 N . -14.55 -1.16 26.36
CAA DLU O . -0.53 4.40 12.91
OAB DLU O . -5.40 -3.10 11.64
OAC DLU O . -0.37 1.88 9.97
OAD DLU O . -2.30 -2.65 8.96
OAE DLU O . -0.86 -0.42 8.83
FAF DLU O . -8.58 -5.88 5.73
FAG DLU O . -4.25 -5.61 7.43
CAH DLU O . -8.32 -5.61 8.06
CAI DLU O . -7.45 -5.47 9.16
CAJ DLU O . -6.41 -5.74 6.53
CAK DLU O . -3.86 -0.92 11.65
CAL DLU O . -3.54 4.42 10.86
CAM DLU O . -2.30 5.11 11.40
CAN DLU O . -5.21 -5.32 10.16
CAO DLU O . -3.48 1.23 12.69
NAP DLU O . -4.28 -4.20 10.01
OAQ DLU O . -4.03 3.26 11.64
CAR DLU O . -4.47 -3.16 10.84
CAS DLU O . -1.36 1.69 10.70
CAT DLU O . -7.77 -5.73 6.78
CAU DLU O . -5.58 -5.60 7.63
CAV DLU O . -6.08 -5.46 8.93
CAW DLU O . -1.83 -0.56 9.77
CAX DLU O . -3.58 -1.93 10.73
CAY DLU O . -2.08 0.48 10.70
CAZ DLU O . -2.56 -1.75 9.78
CBA DLU O . -1.18 4.09 11.57
CBB DLU O . -2.99 2.61 12.40
NBC DLU O . -1.79 2.74 11.55
NBD DLU O . -3.12 0.27 11.65
S SO4 P . 24.49 -0.55 -27.58
O1 SO4 P . 23.75 0.11 -26.50
O2 SO4 P . 24.35 0.28 -28.77
O3 SO4 P . 25.91 -0.64 -27.24
O4 SO4 P . 23.98 -1.90 -27.81
O1 HEZ Q . 21.40 -1.04 -7.07
C1 HEZ Q . 21.55 0.32 -6.58
C2 HEZ Q . 21.73 0.49 -5.05
C3 HEZ Q . 21.55 1.98 -4.74
C4 HEZ Q . 22.41 2.49 -3.59
C5 HEZ Q . 22.08 3.97 -3.42
C6 HEZ Q . 23.01 4.67 -2.42
O6 HEZ Q . 22.30 5.82 -1.91
#